data_3UR1
#
_entry.id   3UR1
#
_cell.length_a   213.991
_cell.length_b   213.991
_cell.length_c   208.192
_cell.angle_alpha   90.00
_cell.angle_beta   90.00
_cell.angle_gamma   120.00
#
_symmetry.space_group_name_H-M   'H 3 2'
#
loop_
_entity.id
_entity.type
_entity.pdbx_description
1 polymer 'Chemotaxis protein CheA'
2 polymer 'Chemotaxis protein CheW'
3 polymer 'Methyl-accepting chemotaxis protein'
#
loop_
_entity_poly.entity_id
_entity_poly.type
_entity_poly.pdbx_seq_one_letter_code
_entity_poly.pdbx_strand_id
1 'polypeptide(L)'
;GSHMVPISFVFNRFPRMVRDLAKKMNKEVNFIMRGEDTELDRTFVEEIGEPLLHLLRNAIDHGIEPKEERIAKGKPPIGT
LILSARHEGNNVVIEVEDDGRGIDKEKIIRKAIEKGLIDESKAATLSDQEILNFLFVPGFSTKEKVSEVSGRGVGMDVVK
NVVESLNGSISIESEKDKGTKVTIRLPLTLAIIQALLVKVNNLVYAIPIANIDTILSISKEDIQRVQDRDVIVIRGEVIP
VYRLWEVLQIEHKEELEEMEAVIVRVGNRKYGIVVDDLLGQDDIVIKSLGKVFSEVKEFSGAAILGDGSIALIINVSGIV
;
A
2 'polypeptide(L)'
;KEFEVLSFEIDEQALAFDVDNIEMVIEKSDITPVPKSRHFVEGVINLRGRIIPVVNLAKILGISFDEQKMKSIIVARTKD
VEVGFLVDRVLGVLRITENQLDLTNVSDKFGKKSKGLVKTDGRLIIYLDIDKIIEEITV
;
B
3 'polypeptide(L)'
;SQIGETLENIRSIEKLIQNIMRIARETNILALNATIEAARAGEAGKGFMIVANEVQNLSNETNEVTKQIVEKAREILESS
QRSLE
;
C,D
#
# COMPACT_ATOMS: atom_id res chain seq x y z
N GLY A 1 -10.33 14.27 5.48
CA GLY A 1 -11.44 13.42 4.98
C GLY A 1 -12.17 12.71 6.11
N SER A 2 -12.87 13.49 6.95
CA SER A 2 -13.61 12.93 8.07
C SER A 2 -12.77 12.08 9.02
N HIS A 3 -11.44 12.25 8.97
CA HIS A 3 -10.53 11.50 9.83
C HIS A 3 -10.74 11.93 11.30
N MET A 4 -11.67 12.86 11.49
CA MET A 4 -12.00 13.36 12.82
C MET A 4 -13.49 13.12 13.10
N VAL A 5 -13.79 12.56 14.26
CA VAL A 5 -15.16 12.26 14.66
C VAL A 5 -15.26 12.37 16.17
N PRO A 6 -16.45 12.67 16.70
CA PRO A 6 -16.60 12.78 18.17
C PRO A 6 -16.11 11.52 18.89
N ILE A 7 -15.59 11.68 20.10
CA ILE A 7 -15.07 10.57 20.89
C ILE A 7 -16.15 9.55 21.24
N SER A 8 -17.38 9.80 20.79
CA SER A 8 -18.52 8.91 21.05
C SER A 8 -18.27 7.48 20.58
N PHE A 9 -17.22 7.29 19.78
CA PHE A 9 -16.86 5.99 19.25
C PHE A 9 -15.66 5.32 19.92
N VAL A 10 -15.24 5.84 21.07
CA VAL A 10 -14.10 5.26 21.76
C VAL A 10 -13.93 5.86 23.16
N PHE A 11 -15.05 6.09 23.84
CA PHE A 11 -15.02 6.69 25.18
C PHE A 11 -16.35 6.53 25.92
N ASN A 12 -17.41 6.19 25.20
CA ASN A 12 -18.72 6.02 25.82
C ASN A 12 -18.92 4.65 26.47
N ARG A 13 -17.93 3.78 26.33
CA ARG A 13 -17.99 2.44 26.91
C ARG A 13 -17.46 2.46 28.35
N PHE A 14 -18.10 3.27 29.19
CA PHE A 14 -17.71 3.40 30.60
C PHE A 14 -18.86 3.62 31.60
N PRO A 15 -19.88 4.44 31.23
CA PRO A 15 -21.01 4.68 32.14
C PRO A 15 -21.76 3.43 32.59
N ARG A 16 -21.28 2.26 32.18
CA ARG A 16 -21.90 1.00 32.56
C ARG A 16 -20.85 -0.12 32.71
N MET A 17 -19.60 0.17 32.33
CA MET A 17 -18.49 -0.78 32.46
C MET A 17 -17.70 -0.51 33.74
N VAL A 18 -17.82 0.71 34.25
CA VAL A 18 -17.16 1.12 35.50
C VAL A 18 -18.09 0.78 36.68
N ARG A 19 -19.35 0.50 36.37
CA ARG A 19 -20.37 0.16 37.37
C ARG A 19 -20.12 -1.20 38.01
N ASP A 20 -19.95 -2.21 37.16
CA ASP A 20 -19.68 -3.58 37.62
C ASP A 20 -18.36 -3.71 38.39
N LEU A 21 -17.36 -2.90 38.02
CA LEU A 21 -16.05 -2.93 38.68
C LEU A 21 -16.13 -2.32 40.08
N ALA A 22 -17.30 -1.77 40.42
CA ALA A 22 -17.51 -1.15 41.74
C ALA A 22 -18.27 -2.12 42.64
N LYS A 23 -19.03 -3.03 42.03
CA LYS A 23 -19.81 -4.03 42.75
C LYS A 23 -18.99 -5.26 43.13
N LYS A 24 -17.94 -5.55 42.35
CA LYS A 24 -17.09 -6.71 42.60
C LYS A 24 -15.96 -6.38 43.55
N MET A 25 -16.12 -5.31 44.32
CA MET A 25 -15.10 -4.88 45.28
C MET A 25 -15.68 -4.18 46.52
N ASN A 26 -17.00 -4.14 46.61
CA ASN A 26 -17.70 -3.50 47.75
C ASN A 26 -17.12 -2.12 48.11
N LYS A 27 -17.08 -1.23 47.12
CA LYS A 27 -16.56 0.12 47.31
C LYS A 27 -17.30 1.11 46.41
N GLU A 28 -18.27 1.81 46.98
CA GLU A 28 -19.06 2.78 46.24
C GLU A 28 -18.17 3.89 45.70
N VAL A 29 -18.22 4.09 44.38
CA VAL A 29 -17.42 5.12 43.75
C VAL A 29 -18.19 5.76 42.61
N ASN A 30 -18.51 7.06 42.75
CA ASN A 30 -19.25 7.79 41.73
C ASN A 30 -18.49 7.72 40.41
N PHE A 31 -19.14 8.15 39.33
CA PHE A 31 -18.52 8.15 38.01
C PHE A 31 -19.25 9.06 37.03
N ILE A 32 -18.74 10.28 36.90
CA ILE A 32 -19.31 11.27 36.01
C ILE A 32 -18.29 11.70 34.95
N MET A 33 -18.52 11.29 33.70
CA MET A 33 -17.60 11.62 32.60
C MET A 33 -17.80 13.08 32.18
N ARG A 34 -16.82 13.93 32.50
CA ARG A 34 -16.90 15.35 32.16
C ARG A 34 -16.57 15.53 30.68
N GLY A 35 -17.57 15.31 29.84
CA GLY A 35 -17.38 15.44 28.41
C GLY A 35 -17.11 14.12 27.74
N GLU A 36 -17.84 13.86 26.66
CA GLU A 36 -17.67 12.63 25.90
C GLU A 36 -17.89 12.87 24.41
N ASP A 37 -17.18 13.86 23.87
CA ASP A 37 -17.26 14.20 22.45
C ASP A 37 -15.89 14.71 21.98
N THR A 38 -14.83 14.23 22.65
CA THR A 38 -13.45 14.61 22.34
C THR A 38 -13.03 14.08 20.96
N GLU A 39 -13.08 14.94 19.95
CA GLU A 39 -12.71 14.56 18.59
C GLU A 39 -11.25 14.16 18.44
N LEU A 40 -10.85 13.10 19.14
CA LEU A 40 -9.49 12.60 19.04
C LEU A 40 -9.38 11.94 17.67
N ASP A 41 -8.17 11.65 17.22
CA ASP A 41 -7.97 11.03 15.92
C ASP A 41 -8.79 9.74 15.79
N ARG A 42 -9.33 9.48 14.59
CA ARG A 42 -10.15 8.29 14.32
C ARG A 42 -9.40 6.95 14.46
N THR A 43 -8.11 6.95 14.13
CA THR A 43 -7.27 5.75 14.21
C THR A 43 -7.06 5.25 15.64
N PHE A 44 -7.63 5.93 16.62
CA PHE A 44 -7.48 5.54 18.02
C PHE A 44 -8.61 4.65 18.53
N VAL A 45 -9.56 4.30 17.67
CA VAL A 45 -10.70 3.47 18.05
C VAL A 45 -10.34 2.16 18.73
N GLU A 46 -9.05 1.80 18.78
CA GLU A 46 -8.63 0.55 19.42
C GLU A 46 -7.38 0.64 20.30
N GLU A 47 -6.87 1.85 20.52
CA GLU A 47 -5.66 2.04 21.33
C GLU A 47 -5.82 3.06 22.47
N ILE A 48 -6.99 3.70 22.58
CA ILE A 48 -7.24 4.69 23.62
C ILE A 48 -8.48 4.36 24.46
N GLY A 49 -9.53 3.91 23.79
CA GLY A 49 -10.76 3.55 24.49
C GLY A 49 -10.56 2.47 25.53
N GLU A 50 -10.13 1.29 25.09
CA GLU A 50 -9.89 0.17 26.01
C GLU A 50 -8.86 0.52 27.09
N PRO A 51 -7.68 1.04 26.70
CA PRO A 51 -6.64 1.40 27.67
C PRO A 51 -7.16 2.29 28.79
N LEU A 52 -8.26 2.98 28.53
CA LEU A 52 -8.90 3.87 29.50
C LEU A 52 -9.76 3.08 30.49
N LEU A 53 -9.68 1.75 30.41
CA LEU A 53 -10.45 0.88 31.30
C LEU A 53 -9.55 0.38 32.45
N HIS A 54 -8.23 0.52 32.29
CA HIS A 54 -7.26 0.10 33.30
C HIS A 54 -6.85 1.29 34.16
N LEU A 55 -7.42 2.46 33.87
CA LEU A 55 -7.15 3.67 34.62
C LEU A 55 -8.38 3.97 35.51
N LEU A 56 -9.48 3.27 35.26
CA LEU A 56 -10.72 3.41 36.02
C LEU A 56 -10.92 2.25 36.98
N ARG A 57 -10.34 1.09 36.65
CA ARG A 57 -10.44 -0.09 37.50
C ARG A 57 -9.71 0.15 38.83
N ASN A 58 -8.98 1.25 38.88
CA ASN A 58 -8.22 1.63 40.08
C ASN A 58 -8.85 2.90 40.64
N ALA A 59 -9.93 3.36 39.98
CA ALA A 59 -10.65 4.57 40.39
C ALA A 59 -11.77 4.21 41.38
N ILE A 60 -12.02 2.92 41.53
CA ILE A 60 -13.06 2.42 42.43
C ILE A 60 -12.47 1.51 43.51
N ASP A 61 -11.95 0.35 43.10
CA ASP A 61 -11.37 -0.61 44.03
C ASP A 61 -10.15 -0.06 44.77
N HIS A 62 -9.03 0.05 44.07
CA HIS A 62 -7.78 0.55 44.63
C HIS A 62 -7.76 2.08 44.82
N GLY A 63 -8.73 2.60 45.56
CA GLY A 63 -8.80 4.03 45.80
C GLY A 63 -9.72 4.43 46.94
N ILE A 64 -11.03 4.36 46.70
CA ILE A 64 -12.04 4.71 47.69
C ILE A 64 -12.35 3.56 48.65
N GLU A 65 -12.34 3.86 49.95
CA GLU A 65 -12.62 2.85 50.99
C GLU A 65 -14.10 2.92 51.42
N PRO A 66 -14.69 1.76 51.78
CA PRO A 66 -16.09 1.66 52.21
C PRO A 66 -16.49 2.69 53.28
N LYS A 67 -17.80 2.82 53.52
CA LYS A 67 -18.31 3.78 54.51
C LYS A 67 -17.64 3.62 55.87
N GLU A 68 -17.36 2.38 56.26
CA GLU A 68 -16.71 2.07 57.55
C GLU A 68 -15.30 2.64 57.69
N GLU A 69 -14.60 2.79 56.57
CA GLU A 69 -13.25 3.33 56.55
C GLU A 69 -13.20 4.70 55.86
N ARG A 70 -14.34 5.11 55.29
CA ARG A 70 -14.44 6.39 54.59
C ARG A 70 -14.87 7.52 55.52
N ILE A 71 -16.04 7.36 56.16
CA ILE A 71 -16.57 8.37 57.08
C ILE A 71 -15.70 8.46 58.36
N ALA A 72 -14.61 7.68 58.39
CA ALA A 72 -13.70 7.68 59.52
C ALA A 72 -12.27 7.99 59.08
N LYS A 73 -12.13 8.59 57.90
CA LYS A 73 -10.82 8.93 57.34
C LYS A 73 -10.72 10.44 57.08
N GLY A 74 -10.91 10.83 55.82
CA GLY A 74 -10.85 12.23 55.48
C GLY A 74 -11.61 12.52 54.20
N LYS A 75 -12.41 11.54 53.78
CA LYS A 75 -13.22 11.66 52.56
C LYS A 75 -14.72 11.58 52.90
N PRO A 76 -15.57 12.47 52.32
CA PRO A 76 -17.02 12.44 52.62
C PRO A 76 -17.63 11.05 52.40
N PRO A 77 -18.82 10.80 52.98
CA PRO A 77 -19.49 9.51 52.84
C PRO A 77 -19.75 9.10 51.39
N ILE A 78 -19.46 10.01 50.46
CA ILE A 78 -19.63 9.77 49.03
C ILE A 78 -18.57 10.48 48.17
N GLY A 79 -17.82 9.69 47.40
CA GLY A 79 -16.78 10.23 46.55
C GLY A 79 -17.30 10.56 45.16
N THR A 80 -16.42 11.05 44.30
CA THR A 80 -16.81 11.41 42.94
C THR A 80 -15.62 11.46 42.00
N LEU A 81 -15.46 10.43 41.19
CA LEU A 81 -14.36 10.36 40.22
C LEU A 81 -14.87 10.99 38.93
N ILE A 82 -13.96 11.48 38.09
CA ILE A 82 -14.36 12.11 36.84
C ILE A 82 -13.48 11.66 35.66
N LEU A 83 -14.10 11.05 34.66
CA LEU A 83 -13.41 10.58 33.46
C LEU A 83 -13.56 11.67 32.38
N SER A 84 -12.51 12.46 32.17
CA SER A 84 -12.56 13.54 31.19
C SER A 84 -11.86 13.20 29.87
N ALA A 85 -11.79 14.20 28.98
CA ALA A 85 -11.14 14.03 27.68
C ALA A 85 -11.18 15.39 26.98
N ARG A 86 -10.02 15.89 26.59
CA ARG A 86 -9.94 17.20 25.93
C ARG A 86 -8.77 17.29 24.96
N HIS A 87 -8.47 18.50 24.50
CA HIS A 87 -7.35 18.76 23.58
C HIS A 87 -6.47 19.87 24.14
N GLU A 88 -5.19 19.56 24.32
CA GLU A 88 -4.24 20.53 24.84
C GLU A 88 -3.16 20.80 23.80
N GLY A 89 -3.48 21.63 22.81
CA GLY A 89 -2.53 21.93 21.76
C GLY A 89 -2.72 20.98 20.60
N ASN A 90 -1.95 19.89 20.60
CA ASN A 90 -2.03 18.87 19.55
C ASN A 90 -2.04 17.46 20.15
N ASN A 91 -2.51 17.35 21.38
CA ASN A 91 -2.57 16.07 22.09
C ASN A 91 -3.84 15.84 22.89
N VAL A 92 -4.66 14.88 22.44
CA VAL A 92 -5.90 14.54 23.15
C VAL A 92 -5.46 14.12 24.55
N VAL A 93 -6.14 14.61 25.57
CA VAL A 93 -5.78 14.27 26.94
C VAL A 93 -6.97 13.65 27.68
N ILE A 94 -7.44 12.50 27.19
CA ILE A 94 -8.56 11.77 27.80
C ILE A 94 -8.07 11.22 29.14
N GLU A 95 -8.08 12.05 30.17
CA GLU A 95 -7.62 11.69 31.50
C GLU A 95 -8.59 10.78 32.29
N VAL A 96 -8.13 10.30 33.44
CA VAL A 96 -8.92 9.45 34.31
C VAL A 96 -8.52 9.78 35.74
N GLU A 97 -9.43 9.58 36.68
CA GLU A 97 -9.11 9.90 38.07
C GLU A 97 -10.18 9.36 39.02
N ASP A 98 -9.96 9.57 40.31
CA ASP A 98 -10.87 9.14 41.36
C ASP A 98 -10.55 9.87 42.66
N ASP A 99 -10.81 9.22 43.77
CA ASP A 99 -10.51 9.81 45.07
C ASP A 99 -10.40 8.72 46.10
N ASP A 157 2.80 -5.08 33.90
CA ASP A 157 2.92 -3.80 33.17
C ASP A 157 2.64 -4.00 31.69
N VAL A 158 1.56 -4.74 31.38
CA VAL A 158 1.15 -5.01 30.00
C VAL A 158 0.28 -3.86 29.48
N VAL A 159 -0.33 -3.11 30.40
CA VAL A 159 -1.19 -1.98 30.07
C VAL A 159 -0.34 -0.72 29.85
N LYS A 160 0.97 -0.84 30.10
CA LYS A 160 1.94 0.25 29.93
C LYS A 160 2.34 0.34 28.45
N ASN A 161 1.80 -0.58 27.65
CA ASN A 161 2.04 -0.65 26.20
C ASN A 161 0.73 -0.63 25.40
N VAL A 162 -0.37 -1.03 26.02
CA VAL A 162 -1.68 -1.05 25.36
C VAL A 162 -2.06 0.34 24.85
N VAL A 163 -1.62 1.37 25.56
CA VAL A 163 -1.90 2.75 25.17
C VAL A 163 -0.67 3.38 24.50
N GLU A 164 0.51 2.83 24.79
CA GLU A 164 1.76 3.33 24.23
C GLU A 164 2.02 2.79 22.82
N SER A 165 1.08 1.97 22.34
CA SER A 165 1.17 1.41 21.01
C SER A 165 0.97 2.54 20.01
N LEU A 166 -0.17 3.22 20.11
CA LEU A 166 -0.51 4.34 19.24
C LEU A 166 -0.37 5.65 20.01
N ASN A 167 0.83 5.92 20.51
CA ASN A 167 1.07 7.14 21.28
C ASN A 167 0.31 7.08 22.61
N GLY A 168 1.01 7.36 23.70
CA GLY A 168 0.38 7.33 25.01
C GLY A 168 1.31 6.74 26.06
N SER A 169 0.95 6.90 27.33
CA SER A 169 1.75 6.38 28.42
C SER A 169 1.05 6.59 29.76
N ILE A 170 0.01 5.79 30.02
CA ILE A 170 -0.76 5.90 31.26
C ILE A 170 0.17 5.77 32.48
N SER A 171 0.12 6.78 33.35
CA SER A 171 0.94 6.78 34.56
C SER A 171 0.01 6.76 35.79
N ILE A 172 0.60 6.88 36.98
CA ILE A 172 -0.16 6.88 38.23
C ILE A 172 0.42 7.86 39.25
N GLU A 173 -0.26 8.98 39.43
CA GLU A 173 0.14 10.02 40.37
C GLU A 173 -0.91 10.09 41.49
N SER A 174 -0.46 10.32 42.72
CA SER A 174 -1.41 10.38 43.82
C SER A 174 -0.85 11.07 45.07
N GLU A 175 -1.68 11.14 46.10
CA GLU A 175 -1.29 11.74 47.37
C GLU A 175 -2.05 10.99 48.46
N LYS A 176 -2.19 11.60 49.63
CA LYS A 176 -2.89 10.95 50.73
C LYS A 176 -4.32 11.50 50.89
N ASP A 177 -5.31 10.59 50.98
CA ASP A 177 -6.72 10.95 51.13
C ASP A 177 -7.22 11.99 50.11
N LYS A 178 -6.97 11.73 48.83
CA LYS A 178 -7.39 12.62 47.75
C LYS A 178 -7.64 11.80 46.48
N GLY A 179 -6.97 10.65 46.39
CA GLY A 179 -7.12 9.77 45.24
C GLY A 179 -5.94 9.79 44.29
N THR A 180 -5.98 8.91 43.29
CA THR A 180 -4.92 8.83 42.29
C THR A 180 -5.42 9.44 40.97
N LYS A 181 -4.50 10.03 40.21
CA LYS A 181 -4.85 10.66 38.93
C LYS A 181 -4.18 9.91 37.79
N VAL A 182 -4.88 9.79 36.67
CA VAL A 182 -4.35 9.11 35.49
C VAL A 182 -4.55 9.99 34.25
N THR A 183 -3.59 9.96 33.32
CA THR A 183 -3.67 10.77 32.09
C THR A 183 -2.80 10.15 30.99
N ILE A 184 -3.37 10.03 29.79
CA ILE A 184 -2.63 9.47 28.66
C ILE A 184 -2.26 10.63 27.71
N ARG A 185 -1.51 10.31 26.65
CA ARG A 185 -1.11 11.32 25.67
C ARG A 185 -1.23 10.79 24.24
N LEU A 186 -2.32 11.14 23.57
CA LEU A 186 -2.56 10.73 22.19
C LEU A 186 -2.85 11.93 21.29
N PRO A 187 -1.88 12.34 20.46
CA PRO A 187 -2.04 13.49 19.56
C PRO A 187 -3.36 13.42 18.74
N LEU A 188 -4.04 14.56 18.60
CA LEU A 188 -5.28 14.61 17.81
C LEU A 188 -5.07 15.52 16.62
N THR A 189 -3.83 15.79 16.33
CA THR A 189 -3.56 16.64 15.17
C THR A 189 -3.00 15.75 14.09
N LEU A 190 -3.79 15.62 13.04
CA LEU A 190 -3.45 14.78 11.91
C LEU A 190 -2.96 15.56 10.70
N ALA A 191 -3.47 16.77 10.52
CA ALA A 191 -3.17 17.38 9.25
C ALA A 191 -2.08 18.35 8.62
N ILE A 192 -1.75 19.56 9.08
CA ILE A 192 -0.81 20.31 8.20
C ILE A 192 0.69 20.50 8.51
N ILE A 193 1.60 20.09 7.60
CA ILE A 193 3.05 20.30 7.83
C ILE A 193 3.91 20.91 6.71
N GLN A 194 4.03 22.23 6.83
CA GLN A 194 4.82 23.03 5.94
C GLN A 194 6.16 22.34 5.86
N ALA A 195 6.52 21.91 4.66
CA ALA A 195 7.79 21.24 4.45
C ALA A 195 8.50 21.78 3.20
N LEU A 196 9.81 21.51 3.10
CA LEU A 196 10.60 21.96 1.98
C LEU A 196 10.93 20.74 1.15
N LEU A 197 10.30 20.64 -0.01
CA LEU A 197 10.53 19.49 -0.89
C LEU A 197 11.82 19.65 -1.68
N VAL A 198 12.73 18.69 -1.50
CA VAL A 198 14.01 18.70 -2.19
C VAL A 198 14.15 17.41 -3.00
N LYS A 199 15.02 17.44 -3.99
CA LYS A 199 15.24 16.29 -4.85
C LYS A 199 16.72 15.94 -4.98
N VAL A 200 16.99 14.64 -5.05
CA VAL A 200 18.34 14.10 -5.19
C VAL A 200 18.27 12.86 -6.07
N ASN A 201 18.53 13.05 -7.37
CA ASN A 201 18.49 11.97 -8.35
C ASN A 201 17.12 11.32 -8.32
N ASN A 202 16.09 12.15 -8.41
CA ASN A 202 14.73 11.67 -8.41
C ASN A 202 14.31 11.05 -7.07
N LEU A 203 14.79 11.63 -5.98
CA LEU A 203 14.44 11.15 -4.65
C LEU A 203 13.90 12.32 -3.82
N VAL A 204 12.60 12.54 -3.91
CA VAL A 204 11.97 13.62 -3.17
C VAL A 204 12.05 13.46 -1.66
N TYR A 205 12.78 14.38 -1.02
CA TYR A 205 12.94 14.35 0.43
C TYR A 205 12.43 15.67 1.03
N ALA A 206 11.43 15.58 1.89
CA ALA A 206 10.86 16.76 2.53
C ALA A 206 11.63 17.15 3.77
N ILE A 207 11.74 18.45 3.97
CA ILE A 207 12.45 19.01 5.10
C ILE A 207 11.50 19.82 5.97
N PRO A 208 11.31 19.43 7.25
CA PRO A 208 10.42 20.14 8.16
C PRO A 208 10.71 21.65 8.17
N ILE A 209 9.80 22.41 7.54
CA ILE A 209 9.91 23.86 7.44
C ILE A 209 10.32 24.53 8.73
N ALA A 210 9.54 24.30 9.77
CA ALA A 210 9.82 24.89 11.06
C ALA A 210 11.29 24.72 11.49
N ASN A 211 12.00 23.77 10.86
CA ASN A 211 13.41 23.52 11.20
C ASN A 211 14.36 24.33 10.37
N ILE A 212 13.95 24.68 9.15
CA ILE A 212 14.78 25.47 8.24
C ILE A 212 14.99 26.87 8.76
N ASP A 213 16.06 27.50 8.31
CA ASP A 213 16.37 28.85 8.73
C ASP A 213 16.59 29.72 7.52
N THR A 214 17.07 29.13 6.44
CA THR A 214 17.35 29.89 5.25
C THR A 214 17.86 29.01 4.14
N ILE A 215 17.62 29.43 2.90
CA ILE A 215 18.08 28.66 1.77
C ILE A 215 19.01 29.49 0.91
N LEU A 216 20.32 29.38 1.16
CA LEU A 216 21.32 30.12 0.39
C LEU A 216 22.12 29.25 -0.58
N SER A 217 22.38 29.80 -1.77
CA SER A 217 23.12 29.09 -2.82
C SER A 217 24.59 29.45 -2.80
N ILE A 218 25.44 28.52 -2.38
CA ILE A 218 26.87 28.78 -2.34
C ILE A 218 27.61 28.10 -3.48
N SER A 219 28.80 28.60 -3.81
CA SER A 219 29.64 28.05 -4.88
C SER A 219 30.64 27.10 -4.27
N LYS A 220 31.09 26.15 -5.08
CA LYS A 220 32.05 25.16 -4.59
C LYS A 220 33.40 25.80 -4.37
N GLU A 221 33.36 27.04 -3.91
CA GLU A 221 34.56 27.79 -3.68
C GLU A 221 34.62 28.16 -2.23
N ASP A 222 33.52 28.73 -1.75
CA ASP A 222 33.40 29.17 -0.37
C ASP A 222 33.90 28.12 0.62
N ILE A 223 33.54 26.88 0.36
CA ILE A 223 33.93 25.78 1.23
C ILE A 223 35.38 25.89 1.65
N GLN A 224 35.65 25.68 2.94
CA GLN A 224 37.00 25.72 3.50
C GLN A 224 37.18 24.59 4.52
N ARG A 225 37.49 23.39 4.03
CA ARG A 225 37.67 22.23 4.89
C ARG A 225 38.51 22.57 6.12
N VAL A 226 38.25 21.85 7.21
CA VAL A 226 38.97 22.05 8.46
C VAL A 226 39.41 20.75 9.09
N GLN A 227 39.31 20.67 10.41
CA GLN A 227 39.73 19.48 11.15
C GLN A 227 39.19 18.23 10.54
N ASP A 228 38.16 18.37 9.71
CA ASP A 228 37.58 17.23 9.05
C ASP A 228 36.42 17.68 8.20
N ARG A 229 35.23 17.81 8.80
CA ARG A 229 34.05 18.22 8.07
C ARG A 229 34.29 19.54 7.31
N ASP A 230 33.61 19.71 6.16
CA ASP A 230 33.73 20.91 5.35
C ASP A 230 32.89 22.00 5.98
N VAL A 231 33.15 23.24 5.60
CA VAL A 231 32.43 24.35 6.17
C VAL A 231 32.38 25.59 5.28
N ILE A 232 31.56 26.58 5.67
CA ILE A 232 31.40 27.85 4.95
C ILE A 232 31.21 29.02 5.92
N VAL A 233 31.98 30.09 5.72
CA VAL A 233 31.89 31.23 6.60
C VAL A 233 30.80 32.17 6.14
N ILE A 234 29.71 32.20 6.89
CA ILE A 234 28.59 33.09 6.56
C ILE A 234 28.24 33.95 7.77
N ARG A 235 28.20 35.27 7.57
CA ARG A 235 27.87 36.22 8.64
C ARG A 235 28.78 36.02 9.86
N GLY A 236 30.06 35.78 9.61
CA GLY A 236 31.01 35.58 10.68
C GLY A 236 30.89 34.23 11.35
N GLU A 237 29.74 33.58 11.16
CA GLU A 237 29.50 32.27 11.75
C GLU A 237 29.98 31.16 10.81
N VAL A 238 30.26 30.02 11.39
CA VAL A 238 30.74 28.89 10.62
C VAL A 238 29.74 27.75 10.59
N ILE A 239 29.32 27.32 9.40
CA ILE A 239 28.35 26.22 9.28
C ILE A 239 28.98 24.97 8.68
N PRO A 240 28.84 23.81 9.35
CA PRO A 240 29.40 22.55 8.85
C PRO A 240 28.59 22.00 7.69
N VAL A 241 28.94 22.41 6.47
CA VAL A 241 28.22 21.97 5.29
C VAL A 241 28.30 20.46 5.07
N TYR A 242 27.17 19.88 4.67
CA TYR A 242 27.09 18.45 4.40
C TYR A 242 26.38 18.18 3.08
N ARG A 243 26.79 17.13 2.37
CA ARG A 243 26.19 16.76 1.10
C ARG A 243 25.11 15.68 1.35
N LEU A 244 23.84 16.08 1.24
CA LEU A 244 22.72 15.16 1.49
C LEU A 244 22.94 13.77 0.95
N TRP A 245 23.14 13.69 -0.35
CA TRP A 245 23.35 12.42 -1.02
C TRP A 245 24.43 11.58 -0.35
N GLU A 246 25.31 12.21 0.41
CA GLU A 246 26.35 11.45 1.09
C GLU A 246 25.83 10.81 2.38
N VAL A 247 25.35 11.63 3.31
CA VAL A 247 24.85 11.11 4.57
C VAL A 247 23.75 10.08 4.36
N LEU A 248 23.20 10.04 3.15
CA LEU A 248 22.15 9.10 2.77
C LEU A 248 22.74 7.98 1.91
N GLN A 249 24.00 8.12 1.55
CA GLN A 249 24.67 7.13 0.74
C GLN A 249 23.91 6.85 -0.56
N ILE A 250 24.18 7.68 -1.57
CA ILE A 250 23.55 7.57 -2.88
C ILE A 250 24.62 7.78 -3.96
N GLU A 251 24.44 7.14 -5.10
CA GLU A 251 25.40 7.27 -6.18
C GLU A 251 25.20 8.64 -6.83
N HIS A 252 25.94 9.63 -6.35
CA HIS A 252 25.84 10.98 -6.88
C HIS A 252 26.72 11.17 -8.10
N LYS A 253 26.44 12.21 -8.89
CA LYS A 253 27.22 12.50 -10.10
C LYS A 253 28.63 12.86 -9.72
N GLU A 254 28.77 13.94 -8.97
CA GLU A 254 30.06 14.43 -8.54
C GLU A 254 29.82 15.66 -7.70
N GLU A 255 29.61 16.78 -8.37
CA GLU A 255 29.38 18.05 -7.70
C GLU A 255 29.26 19.19 -8.71
N LEU A 256 28.04 19.63 -8.96
CA LEU A 256 27.82 20.73 -9.89
C LEU A 256 28.55 21.97 -9.42
N GLU A 257 28.72 22.94 -10.29
CA GLU A 257 29.41 24.18 -9.92
C GLU A 257 28.81 24.82 -8.67
N GLU A 258 27.84 25.71 -8.84
CA GLU A 258 27.19 26.38 -7.72
C GLU A 258 26.08 25.48 -7.19
N MET A 259 26.27 24.91 -6.01
CA MET A 259 25.26 24.04 -5.45
C MET A 259 24.41 24.79 -4.45
N GLU A 260 23.13 24.45 -4.41
CA GLU A 260 22.19 25.09 -3.50
C GLU A 260 22.18 24.36 -2.18
N ALA A 261 22.34 25.11 -1.09
CA ALA A 261 22.37 24.54 0.26
C ALA A 261 21.24 25.09 1.14
N VAL A 262 20.72 24.24 2.02
CA VAL A 262 19.65 24.61 2.93
C VAL A 262 20.17 24.53 4.37
N ILE A 263 20.10 25.66 5.09
CA ILE A 263 20.54 25.73 6.47
C ILE A 263 19.43 25.31 7.42
N VAL A 264 19.66 24.22 8.14
CA VAL A 264 18.68 23.71 9.08
C VAL A 264 19.10 23.95 10.52
N ARG A 265 18.15 24.29 11.38
CA ARG A 265 18.46 24.55 12.79
C ARG A 265 18.21 23.34 13.65
N VAL A 266 19.12 23.13 14.59
CA VAL A 266 19.06 22.01 15.50
C VAL A 266 19.53 22.42 16.89
N GLY A 267 18.81 21.95 17.90
CA GLY A 267 19.17 22.25 19.27
C GLY A 267 19.58 23.69 19.47
N ASN A 268 20.88 23.94 19.46
CA ASN A 268 21.40 25.28 19.69
C ASN A 268 22.28 25.72 18.52
N ARG A 269 22.51 24.80 17.59
CA ARG A 269 23.35 25.07 16.43
C ARG A 269 22.56 24.88 15.13
N LYS A 270 23.29 24.73 14.02
CA LYS A 270 22.67 24.55 12.72
C LYS A 270 23.72 24.22 11.68
N TYR A 271 23.46 23.19 10.89
CA TYR A 271 24.39 22.79 9.85
C TYR A 271 23.78 23.00 8.47
N GLY A 272 24.63 23.06 7.45
CA GLY A 272 24.14 23.26 6.10
C GLY A 272 23.97 21.96 5.34
N ILE A 273 22.86 21.85 4.61
CA ILE A 273 22.56 20.64 3.84
C ILE A 273 22.52 20.94 2.34
N VAL A 274 23.52 20.46 1.59
CA VAL A 274 23.59 20.65 0.14
C VAL A 274 22.79 19.58 -0.56
N VAL A 275 21.96 19.98 -1.50
CA VAL A 275 21.14 19.01 -2.20
C VAL A 275 21.23 19.13 -3.69
N ASP A 276 20.70 18.13 -4.38
CA ASP A 276 20.72 18.09 -5.84
C ASP A 276 19.86 19.19 -6.46
N ASP A 277 18.55 19.02 -6.46
CA ASP A 277 17.67 20.02 -7.05
C ASP A 277 16.61 20.37 -6.02
N LEU A 278 16.02 21.55 -6.17
CA LEU A 278 14.98 22.03 -5.26
C LEU A 278 13.59 22.06 -5.91
N LEU A 279 12.73 21.14 -5.50
CA LEU A 279 11.38 21.04 -6.05
C LEU A 279 10.57 22.25 -5.65
N GLY A 280 9.92 22.20 -4.49
CA GLY A 280 9.11 23.31 -4.01
C GLY A 280 8.33 23.01 -2.74
N GLN A 281 8.34 23.94 -1.79
CA GLN A 281 7.64 23.77 -0.52
C GLN A 281 6.22 23.32 -0.76
N ASP A 282 5.64 22.61 0.21
CA ASP A 282 4.27 22.11 0.11
C ASP A 282 3.82 21.43 1.39
N ASP A 283 2.51 21.29 1.56
CA ASP A 283 1.95 20.65 2.75
C ASP A 283 1.76 19.18 2.47
N ILE A 284 2.57 18.35 3.12
CA ILE A 284 2.47 16.91 2.92
C ILE A 284 1.74 16.20 4.04
N VAL A 285 1.57 14.90 3.84
CA VAL A 285 0.88 14.02 4.78
C VAL A 285 1.84 13.02 5.41
N ILE A 286 2.62 13.48 6.38
CA ILE A 286 3.59 12.61 7.03
C ILE A 286 2.91 11.42 7.69
N LYS A 287 3.46 10.23 7.46
CA LYS A 287 2.90 9.01 8.04
C LYS A 287 3.99 8.02 8.45
N SER A 288 3.90 7.51 9.68
CA SER A 288 4.89 6.56 10.19
C SER A 288 4.99 5.40 9.22
N LEU A 289 6.19 5.19 8.67
CA LEU A 289 6.42 4.12 7.72
C LEU A 289 6.81 2.81 8.38
N GLY A 290 5.83 2.17 9.02
CA GLY A 290 6.09 0.91 9.67
C GLY A 290 7.24 0.90 10.64
N LYS A 291 7.51 -0.26 11.21
CA LYS A 291 8.57 -0.43 12.17
C LYS A 291 9.79 -0.98 11.48
N VAL A 292 9.60 -1.50 10.28
CA VAL A 292 10.70 -2.08 9.53
C VAL A 292 11.77 -1.06 9.20
N PHE A 293 11.66 0.12 9.79
CA PHE A 293 12.61 1.19 9.57
C PHE A 293 12.99 1.86 10.88
N SER A 294 12.43 1.37 11.98
CA SER A 294 12.71 1.93 13.30
C SER A 294 14.20 2.06 13.59
N GLU A 295 15.01 1.35 12.82
CA GLU A 295 16.46 1.39 13.00
C GLU A 295 17.05 2.63 12.33
N VAL A 296 16.56 2.91 11.12
CA VAL A 296 17.05 4.03 10.34
C VAL A 296 16.73 5.35 11.01
N LYS A 297 17.62 5.79 11.87
CA LYS A 297 17.43 7.03 12.56
C LYS A 297 17.65 8.22 11.61
N GLU A 298 18.15 7.95 10.41
CA GLU A 298 18.39 9.01 9.45
C GLU A 298 17.10 9.53 8.82
N PHE A 299 15.97 9.30 9.50
CA PHE A 299 14.68 9.74 8.99
C PHE A 299 13.65 9.96 10.08
N SER A 300 12.40 10.04 9.65
CA SER A 300 11.29 10.25 10.57
C SER A 300 10.03 9.59 10.07
N GLY A 301 9.75 9.79 8.79
CA GLY A 301 8.56 9.21 8.19
C GLY A 301 8.33 9.72 6.79
N ALA A 302 8.01 8.81 5.88
CA ALA A 302 7.78 9.17 4.49
C ALA A 302 6.39 9.77 4.29
N ALA A 303 6.00 10.00 3.04
CA ALA A 303 4.70 10.56 2.73
C ALA A 303 4.43 10.56 1.24
N ILE A 304 3.17 10.38 0.88
CA ILE A 304 2.77 10.35 -0.52
C ILE A 304 2.34 11.72 -1.01
N LEU A 305 3.13 12.25 -1.94
CA LEU A 305 2.87 13.58 -2.51
C LEU A 305 1.57 13.64 -3.27
N GLY A 306 1.53 14.52 -4.27
CA GLY A 306 0.34 14.67 -5.07
C GLY A 306 0.29 13.67 -6.21
N ASP A 307 1.12 13.86 -7.21
CA ASP A 307 1.13 12.97 -8.35
C ASP A 307 1.23 11.50 -7.98
N GLY A 308 1.47 11.23 -6.69
CA GLY A 308 1.57 9.84 -6.24
C GLY A 308 2.96 9.45 -5.78
N SER A 309 3.94 10.32 -6.03
CA SER A 309 5.33 10.07 -5.64
C SER A 309 5.49 10.01 -4.13
N ILE A 310 6.30 9.06 -3.66
CA ILE A 310 6.52 8.92 -2.22
C ILE A 310 7.68 9.81 -1.85
N ALA A 311 7.61 10.47 -0.70
CA ALA A 311 8.71 11.35 -0.29
C ALA A 311 8.96 11.20 1.19
N LEU A 312 10.20 10.88 1.53
CA LEU A 312 10.58 10.70 2.92
C LEU A 312 10.92 12.07 3.53
N ILE A 313 10.73 12.21 4.85
CA ILE A 313 11.03 13.46 5.53
C ILE A 313 12.34 13.39 6.30
N ILE A 314 13.23 14.31 5.98
CA ILE A 314 14.53 14.35 6.62
C ILE A 314 14.47 14.84 8.05
N ASN A 315 14.45 13.93 9.02
CA ASN A 315 14.43 14.33 10.41
C ASN A 315 15.72 15.10 10.66
N VAL A 316 15.66 16.42 10.59
CA VAL A 316 16.83 17.27 10.76
C VAL A 316 17.86 16.82 11.78
N SER A 317 17.41 16.38 12.94
CA SER A 317 18.32 15.96 14.00
C SER A 317 18.92 14.60 13.71
N GLY A 318 18.34 13.92 12.72
CA GLY A 318 18.77 12.57 12.35
C GLY A 318 19.81 12.49 11.25
N ILE A 319 20.80 13.37 11.32
CA ILE A 319 21.86 13.41 10.35
C ILE A 319 23.10 14.02 10.97
N VAL A 320 24.17 13.23 10.97
CA VAL A 320 25.46 13.64 11.53
C VAL A 320 25.68 15.16 11.41
N LYS B 1 -10.35 -28.87 9.87
CA LYS B 1 -8.92 -28.52 9.65
C LYS B 1 -8.58 -28.47 8.16
N GLU B 2 -8.77 -27.29 7.56
CA GLU B 2 -8.50 -27.07 6.14
C GLU B 2 -7.76 -25.74 5.96
N PHE B 3 -6.45 -25.78 5.69
CA PHE B 3 -5.66 -24.56 5.52
C PHE B 3 -5.63 -24.06 4.08
N GLU B 4 -5.79 -22.74 3.91
CA GLU B 4 -5.74 -22.12 2.58
C GLU B 4 -4.45 -21.31 2.49
N VAL B 5 -3.55 -21.71 1.60
CA VAL B 5 -2.28 -21.01 1.46
C VAL B 5 -2.02 -20.43 0.08
N LEU B 6 -1.12 -19.46 0.02
CA LEU B 6 -0.76 -18.82 -1.23
C LEU B 6 0.46 -19.54 -1.79
N SER B 7 0.31 -20.22 -2.93
CA SER B 7 1.41 -20.96 -3.53
C SER B 7 2.22 -20.12 -4.51
N PHE B 8 3.54 -20.19 -4.41
CA PHE B 8 4.41 -19.45 -5.32
C PHE B 8 5.84 -19.97 -5.11
N GLU B 9 6.68 -19.83 -6.14
CA GLU B 9 8.07 -20.31 -6.06
C GLU B 9 9.10 -19.19 -6.11
N ILE B 10 10.32 -19.54 -5.69
CA ILE B 10 11.45 -18.62 -5.69
C ILE B 10 12.65 -19.36 -6.26
N ASP B 11 12.65 -19.54 -7.58
CA ASP B 11 13.72 -20.23 -8.27
C ASP B 11 13.74 -21.70 -7.89
N GLU B 12 12.83 -22.48 -8.47
CA GLU B 12 12.74 -23.90 -8.18
C GLU B 12 12.63 -24.17 -6.68
N GLN B 13 12.00 -23.26 -5.94
CA GLN B 13 11.83 -23.40 -4.49
C GLN B 13 10.44 -22.95 -4.12
N ALA B 14 9.58 -23.89 -3.77
CA ALA B 14 8.21 -23.54 -3.43
C ALA B 14 8.02 -23.08 -1.99
N LEU B 15 7.15 -22.09 -1.83
CA LEU B 15 6.81 -21.54 -0.52
C LEU B 15 5.32 -21.23 -0.49
N ALA B 16 4.78 -21.01 0.71
CA ALA B 16 3.38 -20.69 0.85
C ALA B 16 2.96 -20.43 2.31
N PHE B 17 2.02 -19.50 2.49
CA PHE B 17 1.51 -19.15 3.80
C PHE B 17 0.00 -19.04 3.73
N ASP B 18 -0.64 -19.09 4.89
CA ASP B 18 -2.09 -19.02 4.97
C ASP B 18 -2.55 -17.65 4.51
N VAL B 19 -3.60 -17.62 3.70
CA VAL B 19 -4.13 -16.37 3.21
C VAL B 19 -4.55 -15.44 4.35
N ASP B 20 -4.76 -16.00 5.53
CA ASP B 20 -5.19 -15.22 6.70
C ASP B 20 -4.45 -13.87 6.85
N ASN B 21 -3.20 -13.86 6.40
CA ASN B 21 -2.40 -12.65 6.49
C ASN B 21 -2.04 -12.14 5.10
N ILE B 22 -3.01 -12.13 4.18
CA ILE B 22 -2.78 -11.68 2.81
C ILE B 22 -3.77 -10.59 2.39
N GLU B 23 -3.28 -9.58 1.69
CA GLU B 23 -4.12 -8.49 1.24
C GLU B 23 -4.37 -8.59 -0.27
N MET B 24 -3.31 -8.80 -1.03
CA MET B 24 -3.41 -8.93 -2.48
C MET B 24 -2.05 -9.20 -3.09
N VAL B 25 -1.97 -9.09 -4.42
CA VAL B 25 -0.71 -9.32 -5.10
C VAL B 25 -0.52 -8.29 -6.21
N ILE B 26 0.69 -7.77 -6.33
CA ILE B 26 0.97 -6.78 -7.35
C ILE B 26 2.33 -7.06 -7.99
N GLU B 27 2.64 -6.38 -9.09
CA GLU B 27 3.93 -6.57 -9.78
C GLU B 27 4.98 -5.52 -9.43
N LYS B 28 6.21 -5.99 -9.20
CA LYS B 28 7.30 -5.10 -8.82
C LYS B 28 7.28 -3.85 -9.68
N SER B 29 7.05 -2.71 -9.03
CA SER B 29 7.00 -1.42 -9.72
C SER B 29 7.96 -0.41 -9.12
N ASP B 30 7.60 0.87 -9.21
CA ASP B 30 8.44 1.94 -8.69
C ASP B 30 8.64 1.78 -7.20
N ILE B 31 9.69 1.07 -6.81
CA ILE B 31 9.97 0.87 -5.40
C ILE B 31 10.93 1.95 -4.90
N THR B 32 10.38 2.99 -4.27
CA THR B 32 11.18 4.07 -3.74
C THR B 32 12.20 3.55 -2.73
N PRO B 33 13.48 3.78 -3.00
CA PRO B 33 14.55 3.33 -2.12
C PRO B 33 14.64 4.08 -0.80
N VAL B 34 14.80 3.33 0.29
CA VAL B 34 14.92 3.91 1.64
C VAL B 34 16.37 3.90 2.11
N PRO B 35 16.99 5.07 2.17
CA PRO B 35 18.38 5.22 2.59
C PRO B 35 18.75 4.50 3.87
N LYS B 36 20.02 4.16 4.00
CA LYS B 36 20.53 3.50 5.19
C LYS B 36 19.51 2.58 5.84
N SER B 37 18.74 1.86 5.05
CA SER B 37 17.74 0.97 5.62
C SER B 37 18.40 -0.30 6.15
N ARG B 38 17.87 -1.45 5.76
CA ARG B 38 18.44 -2.70 6.20
C ARG B 38 18.55 -3.65 5.01
N HIS B 39 19.77 -4.13 4.77
CA HIS B 39 20.11 -5.02 3.65
C HIS B 39 18.98 -5.86 3.05
N PHE B 40 18.13 -6.44 3.88
CA PHE B 40 17.03 -7.27 3.39
C PHE B 40 15.73 -6.54 3.04
N VAL B 41 15.82 -5.24 2.78
CA VAL B 41 14.63 -4.46 2.43
C VAL B 41 14.82 -3.78 1.11
N GLU B 42 13.75 -3.72 0.33
CA GLU B 42 13.80 -3.10 -0.97
C GLU B 42 13.45 -1.63 -0.81
N GLY B 43 12.36 -1.33 -0.11
CA GLY B 43 11.96 0.06 0.08
C GLY B 43 10.49 0.20 0.44
N VAL B 44 9.82 1.23 -0.08
CA VAL B 44 8.41 1.44 0.21
C VAL B 44 7.62 1.80 -1.05
N ILE B 45 6.36 1.40 -1.11
CA ILE B 45 5.51 1.68 -2.26
C ILE B 45 4.17 2.29 -1.83
N ASN B 46 3.51 3.01 -2.73
CA ASN B 46 2.23 3.63 -2.43
C ASN B 46 1.10 2.72 -2.85
N LEU B 47 0.38 2.18 -1.87
CA LEU B 47 -0.70 1.24 -2.17
C LEU B 47 -1.98 1.65 -1.49
N ARG B 48 -3.01 1.82 -2.29
CA ARG B 48 -4.29 2.21 -1.76
C ARG B 48 -4.19 3.55 -1.00
N GLY B 49 -3.02 4.17 -0.98
CA GLY B 49 -2.87 5.45 -0.30
C GLY B 49 -1.95 5.44 0.91
N ARG B 50 -1.48 4.25 1.27
CA ARG B 50 -0.59 4.09 2.40
C ARG B 50 0.76 3.63 1.89
N ILE B 51 1.82 3.87 2.66
CA ILE B 51 3.17 3.47 2.27
C ILE B 51 3.54 2.12 2.87
N ILE B 52 3.50 1.08 2.05
CA ILE B 52 3.83 -0.27 2.50
C ILE B 52 5.25 -0.66 2.11
N PRO B 53 6.03 -1.14 3.07
CA PRO B 53 7.41 -1.53 2.79
C PRO B 53 7.47 -2.85 2.00
N VAL B 54 8.37 -2.90 1.02
CA VAL B 54 8.55 -4.09 0.19
C VAL B 54 9.84 -4.80 0.59
N VAL B 55 9.71 -5.85 1.40
CA VAL B 55 10.87 -6.61 1.86
C VAL B 55 11.26 -7.62 0.80
N ASN B 56 12.51 -8.09 0.85
CA ASN B 56 13.00 -9.07 -0.12
C ASN B 56 12.99 -10.49 0.47
N LEU B 57 11.79 -11.06 0.61
CA LEU B 57 11.60 -12.39 1.21
C LEU B 57 12.70 -13.39 0.96
N ALA B 58 13.01 -13.62 -0.32
CA ALA B 58 14.05 -14.56 -0.69
C ALA B 58 15.37 -14.21 -0.02
N LYS B 59 15.54 -12.93 0.28
CA LYS B 59 16.79 -12.50 0.88
C LYS B 59 16.79 -12.81 2.38
N ILE B 60 15.68 -13.30 2.89
CA ILE B 60 15.60 -13.61 4.32
C ILE B 60 15.92 -15.05 4.57
N LEU B 61 15.47 -15.91 3.69
CA LEU B 61 15.73 -17.33 3.84
C LEU B 61 17.09 -17.71 3.20
N GLY B 62 17.90 -16.69 2.90
CA GLY B 62 19.20 -16.95 2.32
C GLY B 62 19.18 -17.93 1.17
N ILE B 63 18.09 -17.94 0.40
CA ILE B 63 17.95 -18.84 -0.74
C ILE B 63 18.40 -18.17 -2.04
N SER B 64 17.91 -18.69 -3.16
CA SER B 64 18.25 -18.15 -4.47
C SER B 64 17.79 -16.71 -4.56
N PHE B 65 17.95 -16.11 -5.73
CA PHE B 65 17.53 -14.73 -5.89
C PHE B 65 17.73 -14.25 -7.32
N ASP B 66 17.00 -13.22 -7.71
CA ASP B 66 17.14 -12.66 -9.06
C ASP B 66 16.27 -11.42 -9.22
N GLU B 67 16.87 -10.24 -9.18
CA GLU B 67 16.11 -9.00 -9.29
C GLU B 67 15.12 -9.02 -10.44
N GLN B 68 15.38 -9.90 -11.40
CA GLN B 68 14.53 -10.02 -12.57
C GLN B 68 13.29 -10.88 -12.30
N LYS B 69 13.50 -12.13 -11.90
CA LYS B 69 12.39 -13.05 -11.65
C LYS B 69 11.45 -12.49 -10.57
N MET B 70 11.99 -11.61 -9.74
CA MET B 70 11.22 -10.99 -8.67
C MET B 70 10.23 -9.98 -9.28
N LYS B 71 9.07 -10.47 -9.71
CA LYS B 71 8.06 -9.61 -10.31
C LYS B 71 6.73 -9.61 -9.58
N SER B 72 6.63 -10.38 -8.49
CA SER B 72 5.40 -10.46 -7.72
C SER B 72 5.58 -10.01 -6.26
N ILE B 73 4.79 -9.01 -5.87
CA ILE B 73 4.86 -8.47 -4.51
C ILE B 73 3.65 -8.99 -3.72
N ILE B 74 3.93 -9.72 -2.64
CA ILE B 74 2.89 -10.29 -1.79
C ILE B 74 2.70 -9.43 -0.54
N VAL B 75 1.55 -8.77 -0.43
CA VAL B 75 1.28 -7.92 0.71
C VAL B 75 0.64 -8.70 1.85
N ALA B 76 1.26 -8.62 3.03
CA ALA B 76 0.77 -9.33 4.20
C ALA B 76 0.10 -8.38 5.19
N ARG B 77 -0.36 -8.92 6.32
CA ARG B 77 -1.01 -8.13 7.37
C ARG B 77 -1.02 -8.87 8.71
N THR B 78 -0.18 -8.42 9.64
CA THR B 78 -0.07 -9.04 10.95
C THR B 78 -1.19 -8.48 11.81
N LYS B 79 -0.96 -8.44 13.12
CA LYS B 79 -1.97 -7.93 14.04
C LYS B 79 -2.33 -6.48 13.70
N ASP B 80 -1.40 -5.77 13.09
CA ASP B 80 -1.62 -4.39 12.73
C ASP B 80 -0.48 -3.86 11.90
N VAL B 81 0.42 -4.78 11.51
CA VAL B 81 1.57 -4.43 10.69
C VAL B 81 1.32 -4.89 9.24
N GLU B 82 1.73 -4.09 8.27
CA GLU B 82 1.53 -4.43 6.85
C GLU B 82 2.86 -4.43 6.12
N VAL B 83 3.18 -5.56 5.49
CA VAL B 83 4.44 -5.70 4.79
C VAL B 83 4.29 -6.47 3.49
N GLY B 84 4.97 -5.98 2.47
CA GLY B 84 4.93 -6.63 1.16
C GLY B 84 6.17 -7.48 0.93
N PHE B 85 6.00 -8.61 0.25
CA PHE B 85 7.11 -9.52 -0.01
C PHE B 85 7.38 -9.74 -1.50
N LEU B 86 8.53 -9.25 -1.94
CA LEU B 86 8.92 -9.36 -3.33
C LEU B 86 9.41 -10.78 -3.59
N VAL B 87 8.76 -11.46 -4.52
CA VAL B 87 9.15 -12.82 -4.87
C VAL B 87 8.97 -13.08 -6.35
N ASP B 88 8.99 -14.36 -6.74
CA ASP B 88 8.85 -14.75 -8.13
C ASP B 88 7.40 -15.08 -8.50
N ARG B 89 7.23 -15.80 -9.60
CA ARG B 89 5.91 -16.18 -10.08
C ARG B 89 5.03 -16.72 -8.96
N VAL B 90 3.72 -16.66 -9.19
CA VAL B 90 2.76 -17.14 -8.20
C VAL B 90 1.84 -18.19 -8.81
N LEU B 91 1.32 -19.09 -7.96
CA LEU B 91 0.40 -20.16 -8.40
C LEU B 91 -1.06 -19.88 -8.04
N GLY B 92 -1.34 -19.88 -6.74
CA GLY B 92 -2.68 -19.62 -6.28
C GLY B 92 -3.07 -20.44 -5.07
N VAL B 93 -4.37 -20.72 -4.97
CA VAL B 93 -4.89 -21.50 -3.87
C VAL B 93 -4.13 -22.84 -3.72
N LEU B 94 -4.46 -23.60 -2.69
CA LEU B 94 -3.88 -24.91 -2.43
C LEU B 94 -4.48 -25.46 -1.13
N ARG B 95 -5.23 -26.57 -1.23
CA ARG B 95 -5.85 -27.15 -0.05
C ARG B 95 -4.83 -27.87 0.83
N ILE B 96 -4.67 -27.36 2.05
CA ILE B 96 -3.73 -27.92 3.02
C ILE B 96 -4.49 -28.66 4.11
N THR B 97 -3.83 -29.64 4.72
CA THR B 97 -4.42 -30.43 5.80
C THR B 97 -3.36 -31.22 6.57
N GLU B 98 -3.74 -31.78 7.72
CA GLU B 98 -2.79 -32.56 8.53
C GLU B 98 -2.27 -33.79 7.81
N ASN B 99 -2.70 -33.97 6.58
CA ASN B 99 -2.29 -35.10 5.75
C ASN B 99 -1.10 -34.72 4.87
N GLN B 100 -1.14 -33.50 4.34
CA GLN B 100 -0.08 -33.01 3.48
C GLN B 100 1.18 -32.64 4.28
N LEU B 101 1.02 -32.46 5.58
CA LEU B 101 2.14 -32.08 6.44
C LEU B 101 3.08 -33.24 6.70
N ASP B 102 4.38 -32.94 6.68
CA ASP B 102 5.43 -33.95 6.92
C ASP B 102 6.53 -33.29 7.76
N LEU B 103 6.18 -32.89 8.99
CA LEU B 103 7.11 -32.22 9.89
C LEU B 103 8.44 -32.96 10.02
N THR B 104 9.53 -32.20 9.86
CA THR B 104 10.90 -32.70 9.97
C THR B 104 11.82 -31.49 10.13
N ASN B 105 11.50 -30.64 11.10
CA ASN B 105 12.25 -29.41 11.38
C ASN B 105 13.65 -29.70 11.95
N VAL B 106 14.26 -30.80 11.49
CA VAL B 106 15.59 -31.17 11.93
C VAL B 106 16.35 -31.66 10.70
N SER B 107 16.33 -30.85 9.65
CA SER B 107 17.00 -31.18 8.40
C SER B 107 17.09 -29.97 7.47
N ASP B 108 17.59 -28.85 7.99
CA ASP B 108 17.75 -27.63 7.21
C ASP B 108 18.44 -26.53 7.98
N LYS B 109 18.14 -25.29 7.62
CA LYS B 109 18.73 -24.12 8.27
C LYS B 109 17.70 -23.35 9.09
N PHE B 110 17.36 -22.15 8.64
CA PHE B 110 16.41 -21.28 9.32
C PHE B 110 15.27 -22.10 9.84
N GLY B 111 14.99 -21.95 11.13
CA GLY B 111 13.94 -22.74 11.75
C GLY B 111 12.59 -22.10 11.95
N LYS B 112 12.38 -21.57 13.14
CA LYS B 112 11.13 -20.93 13.51
C LYS B 112 10.41 -20.30 12.32
N LYS B 113 11.17 -19.80 11.35
CA LYS B 113 10.60 -19.17 10.16
C LYS B 113 9.48 -20.00 9.53
N SER B 114 9.78 -21.27 9.28
CA SER B 114 8.80 -22.17 8.67
C SER B 114 8.17 -23.09 9.70
N LYS B 115 6.84 -23.15 9.68
CA LYS B 115 6.09 -24.01 10.62
C LYS B 115 6.22 -25.46 10.21
N GLY B 116 6.55 -25.69 8.95
CA GLY B 116 6.69 -27.04 8.46
C GLY B 116 6.84 -27.10 6.96
N LEU B 117 6.62 -28.29 6.42
CA LEU B 117 6.74 -28.58 4.99
C LEU B 117 5.67 -29.52 4.49
N VAL B 118 4.89 -29.09 3.50
CA VAL B 118 3.85 -29.93 2.93
C VAL B 118 4.29 -30.54 1.61
N LYS B 119 3.56 -31.53 1.16
CA LYS B 119 3.91 -32.20 -0.07
C LYS B 119 2.70 -32.53 -0.90
N THR B 120 2.73 -32.14 -2.17
CA THR B 120 1.63 -32.43 -3.07
C THR B 120 2.05 -33.52 -4.05
N ASP B 121 1.66 -34.76 -3.73
CA ASP B 121 1.97 -35.93 -4.55
C ASP B 121 3.47 -36.05 -4.81
N GLY B 122 4.26 -35.21 -4.14
CA GLY B 122 5.70 -35.25 -4.31
C GLY B 122 6.31 -33.91 -4.75
N ARG B 123 5.93 -32.83 -4.08
CA ARG B 123 6.46 -31.51 -4.42
C ARG B 123 7.31 -30.86 -3.35
N LEU B 124 7.73 -29.65 -3.66
CA LEU B 124 8.58 -28.89 -2.75
C LEU B 124 7.84 -27.70 -2.13
N ILE B 125 6.55 -27.87 -1.85
CA ILE B 125 5.79 -26.76 -1.27
C ILE B 125 6.10 -26.62 0.22
N ILE B 126 6.90 -25.62 0.58
CA ILE B 126 7.27 -25.41 1.98
C ILE B 126 6.34 -24.45 2.67
N TYR B 127 5.84 -24.85 3.83
CA TYR B 127 4.91 -24.03 4.60
C TYR B 127 5.64 -23.00 5.46
N LEU B 128 5.39 -21.73 5.19
CA LEU B 128 6.02 -20.63 5.92
C LEU B 128 5.12 -20.17 7.06
N ASP B 129 5.66 -19.33 7.94
CA ASP B 129 4.91 -18.78 9.08
C ASP B 129 5.07 -17.27 9.12
N ILE B 130 4.27 -16.58 8.32
CA ILE B 130 4.31 -15.13 8.25
C ILE B 130 4.48 -14.44 9.59
N ASP B 131 3.74 -14.88 10.60
CA ASP B 131 3.83 -14.25 11.92
C ASP B 131 5.25 -14.17 12.43
N LYS B 132 5.84 -15.33 12.71
CA LYS B 132 7.20 -15.37 13.23
C LYS B 132 8.23 -14.84 12.24
N ILE B 133 7.89 -14.88 10.95
CA ILE B 133 8.80 -14.41 9.91
C ILE B 133 8.78 -12.88 9.95
N ILE B 134 7.61 -12.31 10.15
CA ILE B 134 7.50 -10.87 10.20
C ILE B 134 8.07 -10.35 11.50
N GLU B 135 7.89 -11.12 12.58
CA GLU B 135 8.39 -10.73 13.88
C GLU B 135 9.88 -10.50 13.88
N GLU B 136 10.55 -11.10 12.91
CA GLU B 136 11.98 -10.90 12.80
C GLU B 136 12.24 -9.56 12.14
N ILE B 137 11.45 -9.25 11.12
CA ILE B 137 11.60 -7.99 10.38
C ILE B 137 11.29 -6.79 11.27
N THR B 138 10.47 -7.01 12.28
CA THR B 138 10.08 -5.96 13.21
C THR B 138 10.93 -5.98 14.48
N VAL B 139 10.49 -5.24 15.49
CA VAL B 139 11.21 -5.16 16.77
C VAL B 139 12.74 -5.34 16.65
N SER C 1 0.13 1.45 -55.88
CA SER C 1 -0.88 0.36 -56.09
C SER C 1 -1.70 0.04 -54.82
N GLN C 2 -2.79 0.77 -54.58
CA GLN C 2 -3.62 0.55 -53.38
C GLN C 2 -4.06 -0.89 -53.25
N ILE C 3 -4.50 -1.48 -54.37
CA ILE C 3 -4.92 -2.86 -54.35
C ILE C 3 -3.67 -3.65 -54.03
N GLY C 4 -2.55 -3.22 -54.63
CA GLY C 4 -1.29 -3.88 -54.36
C GLY C 4 -0.85 -3.45 -52.97
N GLU C 5 -1.61 -2.51 -52.37
CA GLU C 5 -1.36 -2.01 -51.00
C GLU C 5 -2.12 -2.80 -49.97
N THR C 6 -3.15 -3.45 -50.43
CA THR C 6 -3.93 -4.33 -49.60
C THR C 6 -3.02 -5.52 -49.31
N LEU C 7 -2.10 -5.80 -50.26
CA LEU C 7 -1.15 -6.92 -50.14
C LEU C 7 -0.42 -6.84 -48.83
N GLU C 8 -0.54 -5.71 -48.13
CA GLU C 8 0.12 -5.49 -46.84
C GLU C 8 -0.54 -4.42 -45.98
N ASN C 9 -1.18 -3.44 -46.61
CA ASN C 9 -1.81 -2.36 -45.88
C ASN C 9 -2.52 -2.88 -44.65
N ILE C 10 -3.18 -4.01 -44.81
CA ILE C 10 -3.92 -4.60 -43.71
C ILE C 10 -2.98 -5.53 -42.98
N ARG C 11 -2.02 -6.09 -43.71
CA ARG C 11 -1.07 -7.04 -43.13
C ARG C 11 -0.58 -6.54 -41.80
N SER C 12 -0.40 -5.23 -41.74
CA SER C 12 0.06 -4.55 -40.55
C SER C 12 -1.06 -4.55 -39.49
N ILE C 13 -2.21 -4.05 -39.91
CA ILE C 13 -3.34 -3.97 -39.01
C ILE C 13 -3.53 -5.32 -38.30
N GLU C 14 -3.61 -6.39 -39.09
CA GLU C 14 -3.79 -7.72 -38.54
C GLU C 14 -2.73 -8.09 -37.52
N LYS C 15 -1.48 -7.80 -37.81
CA LYS C 15 -0.41 -8.12 -36.87
C LYS C 15 -0.38 -7.08 -35.73
N LEU C 16 -0.76 -5.83 -36.01
CA LEU C 16 -0.74 -4.80 -34.98
C LEU C 16 -1.81 -5.08 -33.94
N ILE C 17 -2.93 -5.59 -34.40
CA ILE C 17 -4.03 -5.92 -33.52
C ILE C 17 -3.77 -7.31 -32.94
N GLN C 18 -3.05 -8.12 -33.70
CA GLN C 18 -2.69 -9.47 -33.27
C GLN C 18 -2.22 -9.39 -31.82
N ASN C 19 -1.80 -8.18 -31.43
CA ASN C 19 -1.32 -7.91 -30.12
C ASN C 19 -2.39 -8.38 -29.14
N ILE C 20 -3.61 -8.58 -29.61
CA ILE C 20 -4.67 -9.05 -28.71
C ILE C 20 -4.38 -10.43 -28.17
N MET C 21 -3.95 -11.34 -29.04
CA MET C 21 -3.64 -12.72 -28.64
C MET C 21 -2.69 -12.74 -27.48
N ARG C 22 -2.06 -11.60 -27.25
CA ARG C 22 -1.12 -11.47 -26.17
C ARG C 22 -1.67 -10.53 -25.09
N ILE C 23 -1.80 -9.23 -25.39
CA ILE C 23 -2.28 -8.27 -24.38
C ILE C 23 -3.69 -8.54 -23.89
N ALA C 24 -4.60 -8.83 -24.81
CA ALA C 24 -5.96 -9.12 -24.41
C ALA C 24 -5.95 -10.40 -23.58
N ARG C 25 -5.15 -11.36 -24.00
CA ARG C 25 -5.02 -12.63 -23.28
C ARG C 25 -4.53 -12.32 -21.88
N GLU C 26 -3.46 -11.52 -21.83
CA GLU C 26 -2.84 -11.08 -20.58
C GLU C 26 -3.92 -10.71 -19.58
N THR C 27 -4.62 -9.60 -19.81
CA THR C 27 -5.66 -9.15 -18.87
C THR C 27 -6.45 -10.29 -18.31
N ASN C 28 -6.81 -11.20 -19.20
CA ASN C 28 -7.57 -12.38 -18.84
C ASN C 28 -6.87 -13.15 -17.77
N ILE C 29 -5.64 -13.60 -18.04
CA ILE C 29 -4.93 -14.38 -17.05
C ILE C 29 -4.78 -13.60 -15.75
N LEU C 30 -4.31 -12.36 -15.84
CA LEU C 30 -4.13 -11.56 -14.64
C LEU C 30 -5.40 -11.55 -13.79
N ALA C 31 -6.53 -11.38 -14.45
CA ALA C 31 -7.80 -11.37 -13.73
C ALA C 31 -8.12 -12.75 -13.21
N LEU C 32 -8.02 -13.76 -14.09
CA LEU C 32 -8.32 -15.15 -13.70
C LEU C 32 -7.63 -15.54 -12.39
N ASN C 33 -6.40 -15.03 -12.19
CA ASN C 33 -5.62 -15.32 -11.00
C ASN C 33 -6.21 -14.49 -9.87
N ALA C 34 -6.68 -13.29 -10.18
CA ALA C 34 -7.31 -12.50 -9.14
C ALA C 34 -8.62 -13.17 -8.69
N THR C 35 -9.13 -14.13 -9.47
CA THR C 35 -10.35 -14.84 -9.10
C THR C 35 -10.01 -15.87 -8.02
N ILE C 36 -8.83 -16.49 -8.16
CA ILE C 36 -8.35 -17.50 -7.22
C ILE C 36 -8.28 -16.87 -5.85
N GLU C 37 -7.65 -15.70 -5.76
CA GLU C 37 -7.51 -14.97 -4.50
C GLU C 37 -8.86 -14.41 -4.01
N ALA C 38 -9.51 -13.59 -4.84
CA ALA C 38 -10.79 -12.98 -4.49
C ALA C 38 -11.71 -14.02 -3.86
N ALA C 39 -11.52 -15.27 -4.28
CA ALA C 39 -12.30 -16.40 -3.82
C ALA C 39 -11.88 -16.85 -2.41
N ARG C 40 -10.64 -17.31 -2.29
CA ARG C 40 -10.12 -17.76 -1.00
C ARG C 40 -10.16 -16.62 0.02
N ALA C 41 -10.46 -15.41 -0.43
CA ALA C 41 -10.55 -14.27 0.48
C ALA C 41 -11.61 -14.57 1.55
N GLY C 42 -12.84 -14.11 1.37
CA GLY C 42 -13.89 -14.35 2.35
C GLY C 42 -15.21 -14.90 1.81
N GLU C 43 -16.31 -14.21 2.06
CA GLU C 43 -17.61 -14.63 1.56
C GLU C 43 -18.64 -13.49 1.59
N ALA C 44 -18.52 -12.57 2.56
CA ALA C 44 -19.41 -11.41 2.68
C ALA C 44 -19.38 -10.57 1.40
N GLY C 45 -18.24 -10.00 1.04
CA GLY C 45 -18.14 -9.23 -0.18
C GLY C 45 -17.97 -10.12 -1.40
N LYS C 46 -18.74 -11.21 -1.48
CA LYS C 46 -18.66 -12.14 -2.62
C LYS C 46 -19.03 -11.41 -3.91
N GLY C 47 -19.58 -10.21 -3.78
CA GLY C 47 -19.99 -9.41 -4.93
C GLY C 47 -18.88 -9.20 -5.94
N PHE C 48 -17.63 -9.31 -5.49
CA PHE C 48 -16.45 -9.14 -6.34
C PHE C 48 -16.14 -10.42 -7.13
N MET C 49 -16.79 -11.51 -6.76
CA MET C 49 -16.59 -12.77 -7.42
C MET C 49 -17.67 -12.93 -8.49
N ILE C 50 -18.88 -12.46 -8.17
CA ILE C 50 -20.03 -12.53 -9.10
C ILE C 50 -19.74 -11.81 -10.42
N VAL C 51 -18.61 -11.10 -10.44
CA VAL C 51 -18.17 -10.31 -11.58
C VAL C 51 -16.72 -10.65 -11.93
N ALA C 52 -16.01 -11.26 -10.99
CA ALA C 52 -14.65 -11.65 -11.26
C ALA C 52 -14.69 -12.74 -12.34
N ASN C 53 -15.90 -13.17 -12.65
CA ASN C 53 -16.12 -14.19 -13.65
C ASN C 53 -16.55 -13.52 -14.96
N GLU C 54 -16.97 -12.27 -14.83
CA GLU C 54 -17.41 -11.51 -16.00
C GLU C 54 -16.33 -11.53 -17.07
N VAL C 55 -15.11 -11.21 -16.67
CA VAL C 55 -14.00 -11.17 -17.62
C VAL C 55 -13.78 -12.55 -18.21
N GLN C 56 -14.02 -13.57 -17.40
CA GLN C 56 -13.83 -14.94 -17.87
C GLN C 56 -14.64 -15.22 -19.12
N ASN C 57 -15.70 -14.44 -19.32
CA ASN C 57 -16.57 -14.58 -20.49
C ASN C 57 -16.21 -13.47 -21.49
N LEU C 58 -16.00 -12.27 -20.98
CA LEU C 58 -15.64 -11.12 -21.80
C LEU C 58 -14.46 -11.46 -22.66
N SER C 59 -13.51 -12.20 -22.08
CA SER C 59 -12.27 -12.62 -22.75
C SER C 59 -12.54 -13.72 -23.75
N ASN C 60 -13.07 -14.82 -23.26
CA ASN C 60 -13.38 -15.94 -24.11
C ASN C 60 -14.34 -15.44 -25.21
N GLU C 61 -14.75 -14.17 -25.11
CA GLU C 61 -15.67 -13.58 -26.08
C GLU C 61 -14.95 -13.14 -27.33
N THR C 62 -14.00 -12.22 -27.15
CA THR C 62 -13.23 -11.70 -28.27
C THR C 62 -12.48 -12.81 -28.98
N ASN C 63 -12.36 -13.93 -28.29
CA ASN C 63 -11.70 -15.09 -28.84
C ASN C 63 -12.35 -15.62 -30.11
N GLU C 64 -13.61 -16.04 -30.01
CA GLU C 64 -14.29 -16.57 -31.19
C GLU C 64 -14.42 -15.52 -32.30
N VAL C 65 -14.49 -14.25 -31.91
CA VAL C 65 -14.65 -13.15 -32.85
C VAL C 65 -13.31 -12.74 -33.47
N THR C 66 -12.28 -12.69 -32.65
CA THR C 66 -10.97 -12.38 -33.16
C THR C 66 -10.49 -13.48 -34.08
N LYS C 67 -10.79 -14.74 -33.73
CA LYS C 67 -10.40 -15.89 -34.56
C LYS C 67 -11.08 -15.77 -35.91
N GLN C 68 -12.22 -15.09 -35.90
CA GLN C 68 -13.00 -14.86 -37.12
C GLN C 68 -12.35 -13.82 -38.05
N ILE C 69 -11.97 -12.67 -37.52
CA ILE C 69 -11.36 -11.61 -38.30
C ILE C 69 -10.07 -12.09 -38.93
N VAL C 70 -9.28 -12.87 -38.19
CA VAL C 70 -8.02 -13.37 -38.71
C VAL C 70 -8.33 -14.35 -39.83
N GLU C 71 -9.39 -15.12 -39.66
CA GLU C 71 -9.81 -16.10 -40.65
C GLU C 71 -10.32 -15.40 -41.91
N LYS C 72 -11.00 -14.28 -41.72
CA LYS C 72 -11.59 -13.52 -42.79
C LYS C 72 -10.59 -12.61 -43.50
N ALA C 73 -10.11 -11.57 -42.83
CA ALA C 73 -9.16 -10.67 -43.46
C ALA C 73 -8.07 -11.43 -44.18
N ARG C 74 -7.88 -12.69 -43.84
CA ARG C 74 -6.85 -13.51 -44.50
C ARG C 74 -7.30 -13.91 -45.89
N GLU C 75 -8.60 -13.80 -46.13
CA GLU C 75 -9.11 -14.13 -47.44
C GLU C 75 -8.69 -13.08 -48.45
N ILE C 76 -8.74 -11.82 -48.04
CA ILE C 76 -8.35 -10.75 -48.94
C ILE C 76 -7.10 -11.19 -49.68
N LEU C 77 -6.14 -11.76 -48.96
CA LEU C 77 -4.89 -12.18 -49.60
C LEU C 77 -5.21 -13.19 -50.69
N GLU C 78 -5.89 -14.25 -50.32
CA GLU C 78 -6.23 -15.27 -51.28
C GLU C 78 -6.88 -14.68 -52.49
N SER C 79 -7.57 -13.55 -52.29
CA SER C 79 -8.26 -12.90 -53.40
C SER C 79 -7.38 -11.83 -54.07
N SER C 80 -6.76 -10.98 -53.27
CA SER C 80 -5.92 -9.94 -53.80
C SER C 80 -4.74 -10.60 -54.52
N GLN C 81 -4.40 -11.82 -54.11
CA GLN C 81 -3.32 -12.58 -54.75
C GLN C 81 -3.70 -12.79 -56.19
N ARG C 82 -4.99 -13.06 -56.43
CA ARG C 82 -5.45 -13.25 -57.80
C ARG C 82 -5.57 -11.86 -58.40
N SER C 83 -6.01 -10.94 -57.56
CA SER C 83 -6.18 -9.57 -57.97
C SER C 83 -4.87 -8.97 -58.43
N LEU C 84 -3.82 -9.12 -57.63
CA LEU C 84 -2.53 -8.54 -57.97
C LEU C 84 -2.15 -9.00 -59.36
N GLU C 85 -2.72 -10.13 -59.78
CA GLU C 85 -2.44 -10.67 -61.10
C GLU C 85 -2.76 -9.55 -62.08
N SER D 1 -15.53 -13.71 -57.34
CA SER D 1 -14.06 -13.63 -57.04
C SER D 1 -13.57 -12.19 -57.06
N GLN D 2 -12.30 -12.00 -56.73
CA GLN D 2 -11.69 -10.66 -56.71
C GLN D 2 -12.67 -9.54 -56.42
N ILE D 3 -13.02 -8.79 -57.46
CA ILE D 3 -13.94 -7.65 -57.38
C ILE D 3 -15.21 -8.01 -56.64
N GLY D 4 -15.48 -9.30 -56.59
CA GLY D 4 -16.65 -9.78 -55.89
C GLY D 4 -16.13 -10.40 -54.61
N GLU D 5 -15.00 -11.08 -54.72
CA GLU D 5 -14.39 -11.73 -53.58
C GLU D 5 -14.22 -10.68 -52.49
N THR D 6 -13.72 -9.52 -52.90
CA THR D 6 -13.52 -8.41 -51.99
C THR D 6 -14.78 -8.21 -51.17
N LEU D 7 -15.91 -8.10 -51.87
CA LEU D 7 -17.19 -7.92 -51.21
C LEU D 7 -17.44 -9.15 -50.35
N GLU D 8 -17.24 -10.32 -50.95
CA GLU D 8 -17.44 -11.60 -50.29
C GLU D 8 -16.52 -11.62 -49.09
N ASN D 9 -15.66 -10.63 -49.04
CA ASN D 9 -14.72 -10.53 -47.96
C ASN D 9 -15.12 -9.43 -46.99
N ILE D 10 -15.24 -8.22 -47.49
CA ILE D 10 -15.58 -7.07 -46.66
C ILE D 10 -16.78 -7.38 -45.80
N ARG D 11 -17.79 -8.01 -46.42
CA ARG D 11 -19.00 -8.33 -45.71
C ARG D 11 -18.59 -9.40 -44.74
N SER D 12 -17.70 -10.29 -45.18
CA SER D 12 -17.24 -11.37 -44.32
C SER D 12 -16.44 -10.80 -43.14
N ILE D 13 -15.99 -9.56 -43.28
CA ILE D 13 -15.21 -8.89 -42.23
C ILE D 13 -16.10 -7.92 -41.47
N GLU D 14 -17.10 -7.37 -42.14
CA GLU D 14 -17.99 -6.42 -41.51
C GLU D 14 -18.79 -7.11 -40.39
N LYS D 15 -19.59 -8.10 -40.78
CA LYS D 15 -20.44 -8.88 -39.88
C LYS D 15 -19.63 -9.45 -38.74
N LEU D 16 -18.31 -9.47 -38.92
CA LEU D 16 -17.43 -9.96 -37.90
C LEU D 16 -16.80 -8.81 -37.14
N ILE D 17 -16.32 -7.81 -37.87
CA ILE D 17 -15.71 -6.66 -37.22
C ILE D 17 -16.78 -5.92 -36.44
N GLN D 18 -18.02 -6.09 -36.86
CA GLN D 18 -19.10 -5.45 -36.13
C GLN D 18 -19.29 -6.24 -34.83
N ASN D 19 -19.00 -7.52 -34.86
CA ASN D 19 -19.17 -8.39 -33.69
C ASN D 19 -18.26 -7.90 -32.56
N ILE D 20 -17.02 -7.59 -32.95
CA ILE D 20 -16.03 -7.08 -32.03
C ILE D 20 -16.55 -5.68 -31.62
N MET D 21 -17.12 -4.98 -32.58
CA MET D 21 -17.68 -3.65 -32.36
C MET D 21 -18.79 -3.77 -31.32
N ARG D 22 -19.40 -4.95 -31.23
CA ARG D 22 -20.48 -5.22 -30.28
C ARG D 22 -19.90 -5.39 -28.90
N ILE D 23 -18.97 -6.33 -28.79
CA ILE D 23 -18.32 -6.61 -27.51
C ILE D 23 -17.81 -5.31 -26.87
N ALA D 24 -17.19 -4.47 -27.68
CA ALA D 24 -16.64 -3.20 -27.22
C ALA D 24 -17.65 -2.38 -26.45
N ARG D 25 -18.91 -2.56 -26.82
CA ARG D 25 -20.01 -1.86 -26.18
C ARG D 25 -20.53 -2.64 -24.97
N GLU D 26 -20.50 -3.98 -25.03
CA GLU D 26 -21.00 -4.78 -23.91
C GLU D 26 -20.02 -4.69 -22.75
N THR D 27 -18.73 -4.74 -23.09
CA THR D 27 -17.68 -4.66 -22.09
C THR D 27 -17.63 -3.25 -21.58
N ASN D 28 -17.88 -2.28 -22.45
CA ASN D 28 -17.85 -0.89 -22.03
C ASN D 28 -18.76 -0.61 -20.83
N ILE D 29 -19.68 -1.53 -20.54
CA ILE D 29 -20.59 -1.36 -19.41
C ILE D 29 -20.54 -2.60 -18.51
N LEU D 30 -20.45 -3.79 -19.10
CA LEU D 30 -20.42 -5.02 -18.31
C LEU D 30 -19.28 -5.04 -17.29
N ALA D 31 -18.45 -4.03 -17.40
CA ALA D 31 -17.32 -3.91 -16.52
C ALA D 31 -17.37 -2.53 -15.87
N LEU D 32 -17.74 -1.52 -16.65
CA LEU D 32 -17.80 -0.15 -16.15
C LEU D 32 -18.90 -0.05 -15.10
N ASN D 33 -19.97 -0.81 -15.31
CA ASN D 33 -21.07 -0.81 -14.36
C ASN D 33 -20.81 -1.78 -13.20
N ALA D 34 -19.69 -2.46 -13.28
CA ALA D 34 -19.32 -3.38 -12.22
C ALA D 34 -18.31 -2.73 -11.30
N THR D 35 -17.67 -1.68 -11.79
CA THR D 35 -16.68 -0.94 -10.99
C THR D 35 -17.40 0.21 -10.32
N ILE D 36 -18.05 1.05 -11.12
CA ILE D 36 -18.77 2.20 -10.58
C ILE D 36 -19.89 1.75 -9.61
N GLU D 37 -19.97 0.44 -9.38
CA GLU D 37 -20.98 -0.12 -8.50
C GLU D 37 -20.34 -1.13 -7.57
N ALA D 38 -19.08 -1.43 -7.81
CA ALA D 38 -18.34 -2.39 -7.01
C ALA D 38 -18.10 -1.81 -5.63
N ALA D 39 -18.33 -0.51 -5.50
CA ALA D 39 -18.17 0.18 -4.23
C ALA D 39 -19.41 0.01 -3.36
N ARG D 40 -19.84 -1.25 -3.21
CA ARG D 40 -21.00 -1.61 -2.39
C ARG D 40 -20.69 -2.78 -1.43
N ALA D 41 -20.07 -3.83 -1.97
CA ALA D 41 -19.71 -5.03 -1.18
C ALA D 41 -18.56 -4.74 -0.21
N GLY D 42 -17.85 -5.80 0.20
CA GLY D 42 -16.74 -5.63 1.14
C GLY D 42 -15.73 -4.52 0.80
N GLU D 43 -14.86 -4.20 1.77
CA GLU D 43 -13.83 -3.16 1.61
C GLU D 43 -13.00 -3.35 0.35
N ALA D 44 -13.08 -4.55 -0.22
CA ALA D 44 -12.36 -4.87 -1.44
C ALA D 44 -12.99 -4.17 -2.64
N GLY D 45 -13.94 -3.28 -2.35
CA GLY D 45 -14.61 -2.52 -3.38
C GLY D 45 -13.60 -1.71 -4.13
N LYS D 46 -12.78 -0.95 -3.40
CA LYS D 46 -11.75 -0.10 -3.99
C LYS D 46 -10.67 -0.95 -4.68
N GLY D 47 -10.52 -2.20 -4.23
CA GLY D 47 -9.53 -3.09 -4.82
C GLY D 47 -10.03 -3.77 -6.09
N PHE D 48 -11.32 -4.08 -6.12
CA PHE D 48 -11.90 -4.74 -7.29
C PHE D 48 -12.24 -3.77 -8.41
N MET D 49 -12.71 -2.59 -8.04
CA MET D 49 -13.07 -1.57 -9.03
C MET D 49 -11.91 -1.31 -9.99
N ILE D 50 -10.69 -1.23 -9.45
CA ILE D 50 -9.52 -0.98 -10.28
C ILE D 50 -9.17 -2.17 -11.16
N VAL D 51 -9.13 -3.38 -10.59
CA VAL D 51 -8.80 -4.56 -11.38
C VAL D 51 -9.81 -4.77 -12.52
N ALA D 52 -11.02 -4.27 -12.30
CA ALA D 52 -12.12 -4.35 -13.27
C ALA D 52 -11.94 -3.26 -14.32
N ASN D 53 -11.33 -2.15 -13.90
CA ASN D 53 -11.07 -1.02 -14.81
C ASN D 53 -10.22 -1.51 -16.00
N GLU D 54 -8.95 -1.83 -15.73
CA GLU D 54 -8.00 -2.31 -16.74
C GLU D 54 -8.66 -3.23 -17.74
N VAL D 55 -9.54 -4.07 -17.25
CA VAL D 55 -10.26 -5.00 -18.09
C VAL D 55 -10.74 -4.28 -19.37
N GLN D 56 -11.26 -3.07 -19.20
CA GLN D 56 -11.75 -2.32 -20.34
C GLN D 56 -10.61 -1.63 -21.08
N ASN D 57 -9.80 -0.87 -20.34
CA ASN D 57 -8.68 -0.15 -20.93
C ASN D 57 -7.97 -0.97 -22.03
N LEU D 58 -7.34 -2.07 -21.63
CA LEU D 58 -6.62 -2.91 -22.60
C LEU D 58 -7.56 -3.74 -23.46
N SER D 59 -8.85 -3.52 -23.25
CA SER D 59 -9.82 -4.22 -24.02
C SER D 59 -10.22 -3.36 -25.24
N ASN D 60 -10.50 -2.08 -24.99
CA ASN D 60 -10.89 -1.13 -26.03
C ASN D 60 -9.83 -1.09 -27.09
N GLU D 61 -8.60 -1.28 -26.66
CA GLU D 61 -7.50 -1.27 -27.56
C GLU D 61 -7.80 -2.19 -28.72
N THR D 62 -8.65 -3.18 -28.52
CA THR D 62 -8.98 -4.08 -29.60
C THR D 62 -9.58 -3.25 -30.72
N ASN D 63 -10.76 -2.70 -30.47
CA ASN D 63 -11.42 -1.88 -31.48
C ASN D 63 -10.47 -0.87 -32.11
N GLU D 64 -9.75 -0.14 -31.26
CA GLU D 64 -8.80 0.86 -31.73
C GLU D 64 -8.09 0.34 -33.00
N VAL D 65 -7.57 -0.89 -32.93
CA VAL D 65 -6.87 -1.48 -34.07
C VAL D 65 -7.81 -2.32 -34.92
N THR D 66 -8.64 -3.12 -34.26
CA THR D 66 -9.58 -4.00 -34.96
C THR D 66 -10.43 -3.21 -35.94
N LYS D 67 -10.92 -2.05 -35.52
CA LYS D 67 -11.72 -1.23 -36.40
C LYS D 67 -10.82 -0.62 -37.44
N GLN D 68 -9.53 -0.52 -37.13
CA GLN D 68 -8.59 0.03 -38.09
C GLN D 68 -8.49 -0.96 -39.26
N ILE D 69 -9.03 -2.16 -39.08
CA ILE D 69 -9.01 -3.14 -40.15
C ILE D 69 -9.97 -2.71 -41.24
N VAL D 70 -11.26 -2.70 -40.93
CA VAL D 70 -12.27 -2.29 -41.90
C VAL D 70 -11.87 -0.97 -42.54
N GLU D 71 -11.52 -0.01 -41.70
CA GLU D 71 -11.11 1.32 -42.15
C GLU D 71 -10.28 1.22 -43.43
N LYS D 72 -9.37 0.25 -43.48
CA LYS D 72 -8.50 0.06 -44.66
C LYS D 72 -9.11 -1.01 -45.54
N ALA D 73 -9.57 -2.09 -44.92
CA ALA D 73 -10.15 -3.19 -45.69
C ALA D 73 -11.26 -2.72 -46.57
N ARG D 74 -11.99 -1.73 -46.12
CA ARG D 74 -13.09 -1.21 -46.91
C ARG D 74 -12.57 -0.48 -48.12
N GLU D 75 -11.29 -0.10 -48.06
CA GLU D 75 -10.70 0.59 -49.17
C GLU D 75 -10.36 -0.41 -50.25
N ILE D 76 -9.99 -1.62 -49.84
CA ILE D 76 -9.64 -2.69 -50.77
C ILE D 76 -10.67 -2.72 -51.91
N LEU D 77 -11.94 -2.85 -51.53
CA LEU D 77 -13.00 -2.92 -52.51
C LEU D 77 -13.20 -1.52 -53.05
N GLU D 78 -13.28 -0.57 -52.14
CA GLU D 78 -13.47 0.81 -52.53
C GLU D 78 -12.61 1.09 -53.74
N SER D 79 -11.48 0.37 -53.85
CA SER D 79 -10.52 0.53 -54.96
C SER D 79 -10.55 -0.66 -55.91
N SER D 80 -10.75 -1.85 -55.36
CA SER D 80 -10.78 -3.04 -56.20
C SER D 80 -12.14 -3.05 -56.88
N GLN D 81 -13.20 -2.87 -56.11
CA GLN D 81 -14.53 -2.82 -56.73
C GLN D 81 -14.51 -1.65 -57.72
N ARG D 82 -13.76 -0.61 -57.38
CA ARG D 82 -13.67 0.57 -58.23
C ARG D 82 -12.77 0.24 -59.41
N SER D 83 -11.95 -0.79 -59.26
CA SER D 83 -11.06 -1.20 -60.33
C SER D 83 -11.98 -1.79 -61.39
N LEU D 84 -13.16 -2.24 -60.97
CA LEU D 84 -14.10 -2.77 -61.93
C LEU D 84 -14.30 -1.57 -62.85
N GLU D 85 -14.07 -0.38 -62.28
CA GLU D 85 -14.20 0.87 -63.01
C GLU D 85 -12.81 1.50 -63.21
#